data_2AXG
#
_entry.id   2AXG
#
_cell.length_a   50.806
_cell.length_b   81.561
_cell.length_c   110.378
_cell.angle_alpha   90.00
_cell.angle_beta   90.00
_cell.angle_gamma   90.00
#
_symmetry.space_group_name_H-M   'P 21 21 21'
#
loop_
_entity.id
_entity.type
_entity.pdbx_description
1 polymer 'HLA class I histocompatibility antigen, B*3501 heavy chain'
2 polymer Beta-2-microglobulin
3 polymer '10-mer peptide from BZLF1 trans-activator protein'
4 non-polymer 'ACETIC ACID'
5 water water
#
loop_
_entity_poly.entity_id
_entity_poly.type
_entity_poly.pdbx_seq_one_letter_code
_entity_poly.pdbx_strand_id
1 'polypeptide(L)'
;GSHSMRYFYTAMSRPGRGEPRFIAVGYVDDTQFVRFDSDAASPRTEPRAPWIEQEGPEYWDRNTQIFKTNTQTYRESLRN
LRGYYNQSEAGSHIIQRMYGCDLGPDGRLLRGHDQSAYDGKDYIALNEDLSSWTAADTAAQITQRKWEAARVAEQLRAYL
EGLCVEWLRRYLENGKETLQRADPPKTHVTHHPVSDHEATLRCWALGFYPAEITLTWQRDGEDQTQDTELVETRPAGDRT
FQKWAAVVVPSGEEQRYTCHVQHEGLPKPLTLRWEP
;
A
2 'polypeptide(L)'
;IQRTPKIQVYSRHPAENGKSNFLNCYVSGFHPSDIEVDLLKNGERIEKVEHSDLSFSKDWSFYLLYYTEFTPTEKDEYAC
RVNHVTLSQPKIVKWDRDM
;
B
3 'polypeptide(L)' APQPAPENAY C
#
loop_
_chem_comp.id
_chem_comp.type
_chem_comp.name
_chem_comp.formula
ACY non-polymer 'ACETIC ACID' 'C2 H4 O2'
#
# COMPACT_ATOMS: atom_id res chain seq x y z
N GLY A 1 5.66 19.34 -0.05
CA GLY A 1 4.72 19.32 -1.23
C GLY A 1 3.34 18.85 -0.83
N SER A 2 2.48 18.58 -1.81
CA SER A 2 1.14 18.12 -1.50
C SER A 2 0.65 16.96 -2.36
N HIS A 3 1.32 16.69 -3.48
CA HIS A 3 0.88 15.58 -4.35
C HIS A 3 1.99 14.77 -5.01
N SER A 4 1.66 13.53 -5.37
CA SER A 4 2.62 12.67 -6.01
C SER A 4 1.97 11.61 -6.88
N MET A 5 2.76 11.07 -7.79
CA MET A 5 2.34 10.00 -8.69
C MET A 5 3.41 8.91 -8.59
N ARG A 6 2.98 7.66 -8.51
CA ARG A 6 3.90 6.56 -8.40
C ARG A 6 3.38 5.38 -9.18
N TYR A 7 4.31 4.65 -9.78
CA TYR A 7 3.96 3.44 -10.49
C TYR A 7 4.73 2.39 -9.74
N PHE A 8 4.09 1.23 -9.53
CA PHE A 8 4.72 0.15 -8.81
C PHE A 8 4.71 -1.10 -9.68
N TYR A 9 5.89 -1.60 -10.02
CA TYR A 9 6.03 -2.79 -10.85
C TYR A 9 6.52 -3.97 -10.03
N THR A 10 5.88 -5.13 -10.20
CA THR A 10 6.31 -6.33 -9.51
C THR A 10 6.41 -7.47 -10.54
N ALA A 11 7.59 -8.07 -10.64
CA ALA A 11 7.83 -9.18 -11.58
C ALA A 11 8.24 -10.38 -10.75
N MET A 12 7.50 -11.48 -10.86
CA MET A 12 7.79 -12.65 -10.04
C MET A 12 8.02 -13.91 -10.87
N SER A 13 9.18 -14.53 -10.71
CA SER A 13 9.48 -15.76 -11.43
C SER A 13 8.82 -16.90 -10.64
N ARG A 14 8.52 -17.99 -11.32
CA ARG A 14 7.86 -19.14 -10.71
C ARG A 14 8.19 -20.38 -11.55
N PRO A 15 9.42 -20.89 -11.44
CA PRO A 15 9.87 -22.06 -12.19
C PRO A 15 8.92 -23.22 -12.14
N GLY A 16 8.61 -23.77 -13.31
CA GLY A 16 7.69 -24.90 -13.40
C GLY A 16 6.23 -24.46 -13.51
N ARG A 17 5.97 -23.16 -13.38
CA ARG A 17 4.60 -22.66 -13.45
C ARG A 17 4.44 -21.52 -14.45
N GLY A 18 5.17 -21.62 -15.55
CA GLY A 18 5.11 -20.62 -16.60
C GLY A 18 6.09 -19.47 -16.41
N GLU A 19 6.03 -18.52 -17.34
CA GLU A 19 6.90 -17.35 -17.31
C GLU A 19 6.57 -16.38 -16.17
N PRO A 20 7.54 -15.54 -15.81
CA PRO A 20 7.36 -14.55 -14.74
C PRO A 20 6.14 -13.67 -14.94
N ARG A 21 5.35 -13.52 -13.87
CA ARG A 21 4.16 -12.70 -13.91
C ARG A 21 4.62 -11.25 -13.74
N PHE A 22 3.95 -10.32 -14.41
CA PHE A 22 4.30 -8.90 -14.31
C PHE A 22 3.03 -8.13 -14.00
N ILE A 23 3.07 -7.34 -12.94
CA ILE A 23 1.92 -6.55 -12.54
C ILE A 23 2.37 -5.10 -12.36
N ALA A 24 1.53 -4.17 -12.79
CA ALA A 24 1.84 -2.75 -12.65
C ALA A 24 0.60 -2.02 -12.18
N VAL A 25 0.78 -1.08 -11.25
CA VAL A 25 -0.31 -0.27 -10.74
C VAL A 25 0.20 1.16 -10.64
N GLY A 26 -0.68 2.12 -10.89
CA GLY A 26 -0.31 3.53 -10.80
C GLY A 26 -1.16 4.18 -9.73
N TYR A 27 -0.59 5.14 -9.00
CA TYR A 27 -1.29 5.85 -7.93
C TYR A 27 -1.03 7.33 -8.04
N VAL A 28 -1.96 8.12 -7.51
CA VAL A 28 -1.80 9.55 -7.39
C VAL A 28 -2.11 9.62 -5.90
N ASP A 29 -1.13 10.02 -5.11
CA ASP A 29 -1.29 10.08 -3.66
C ASP A 29 -1.76 8.68 -3.20
N ASP A 30 -2.85 8.60 -2.45
CA ASP A 30 -3.30 7.30 -1.99
C ASP A 30 -4.44 6.70 -2.80
N THR A 31 -4.61 7.18 -4.05
CA THR A 31 -5.67 6.68 -4.90
C THR A 31 -5.10 5.90 -6.08
N GLN A 32 -5.42 4.62 -6.21
CA GLN A 32 -4.92 3.82 -7.33
C GLN A 32 -5.74 4.26 -8.55
N PHE A 33 -5.16 4.26 -9.74
CA PHE A 33 -5.94 4.65 -10.91
C PHE A 33 -5.83 3.75 -12.13
N VAL A 34 -4.82 2.89 -12.17
CA VAL A 34 -4.65 1.95 -13.27
C VAL A 34 -3.96 0.67 -12.80
N ARG A 35 -4.15 -0.40 -13.56
CA ARG A 35 -3.53 -1.68 -13.27
C ARG A 35 -3.33 -2.45 -14.56
N PHE A 36 -2.41 -3.39 -14.51
CA PHE A 36 -2.07 -4.29 -15.60
C PHE A 36 -1.52 -5.54 -14.93
N ASP A 37 -2.00 -6.69 -15.38
CA ASP A 37 -1.57 -7.97 -14.86
C ASP A 37 -1.35 -8.88 -16.07
N SER A 38 -0.13 -9.36 -16.28
CA SER A 38 0.16 -10.20 -17.43
C SER A 38 -0.53 -11.55 -17.35
N ASP A 39 -1.11 -11.86 -16.20
CA ASP A 39 -1.81 -13.12 -16.03
C ASP A 39 -3.30 -13.03 -16.37
N ALA A 40 -3.79 -11.82 -16.60
CA ALA A 40 -5.21 -11.65 -16.95
C ALA A 40 -5.55 -12.46 -18.22
N ALA A 41 -6.84 -12.74 -18.40
CA ALA A 41 -7.30 -13.50 -19.56
C ALA A 41 -6.84 -12.79 -20.84
N SER A 42 -7.09 -11.49 -20.90
CA SER A 42 -6.68 -10.66 -22.02
C SER A 42 -5.97 -9.47 -21.39
N PRO A 43 -4.65 -9.58 -21.20
CA PRO A 43 -3.85 -8.50 -20.59
C PRO A 43 -4.04 -7.12 -21.23
N ARG A 44 -4.43 -6.16 -20.40
CA ARG A 44 -4.60 -4.79 -20.87
C ARG A 44 -4.66 -3.85 -19.67
N THR A 45 -4.21 -2.62 -19.88
CA THR A 45 -4.24 -1.64 -18.80
C THR A 45 -5.71 -1.34 -18.53
N GLU A 46 -6.12 -1.39 -17.27
CA GLU A 46 -7.51 -1.11 -16.92
C GLU A 46 -7.65 0.04 -15.92
N PRO A 47 -8.75 0.80 -15.98
CA PRO A 47 -9.01 1.92 -15.09
C PRO A 47 -9.43 1.45 -13.70
N ARG A 48 -9.02 2.19 -12.68
CA ARG A 48 -9.34 1.86 -11.30
C ARG A 48 -9.88 3.03 -10.46
N ALA A 49 -10.08 4.21 -11.09
CA ALA A 49 -10.63 5.42 -10.48
C ALA A 49 -11.53 6.06 -11.56
N PRO A 50 -12.64 6.68 -11.15
CA PRO A 50 -13.53 7.30 -12.14
C PRO A 50 -12.88 8.31 -13.09
N TRP A 51 -12.08 9.22 -12.54
CA TRP A 51 -11.44 10.27 -13.32
C TRP A 51 -10.44 9.88 -14.42
N ILE A 52 -10.07 8.62 -14.51
CA ILE A 52 -9.13 8.20 -15.55
C ILE A 52 -9.88 7.64 -16.75
N GLU A 53 -11.15 7.31 -16.57
CA GLU A 53 -11.94 6.72 -17.64
C GLU A 53 -12.07 7.58 -18.90
N GLN A 54 -12.08 8.89 -18.72
CA GLN A 54 -12.22 9.83 -19.84
C GLN A 54 -11.05 9.80 -20.81
N GLU A 55 -9.92 9.21 -20.42
CA GLU A 55 -8.80 9.17 -21.33
C GLU A 55 -9.21 8.36 -22.56
N GLY A 56 -8.80 8.82 -23.72
CA GLY A 56 -9.15 8.15 -24.96
C GLY A 56 -8.47 6.82 -25.21
N PRO A 57 -8.81 6.14 -26.30
CA PRO A 57 -8.26 4.83 -26.69
C PRO A 57 -6.73 4.85 -26.83
N GLU A 58 -6.19 5.90 -27.43
CA GLU A 58 -4.75 5.99 -27.61
C GLU A 58 -4.02 5.92 -26.27
N TYR A 59 -4.63 6.47 -25.22
CA TYR A 59 -4.04 6.43 -23.89
C TYR A 59 -3.88 4.98 -23.46
N TRP A 60 -4.99 4.24 -23.51
CA TRP A 60 -4.99 2.85 -23.09
C TRP A 60 -4.14 1.91 -23.95
N ASP A 61 -4.09 2.13 -25.25
CA ASP A 61 -3.29 1.27 -26.09
C ASP A 61 -1.81 1.57 -25.85
N ARG A 62 -1.49 2.84 -25.63
CA ARG A 62 -0.13 3.24 -25.36
C ARG A 62 0.35 2.58 -24.06
N ASN A 63 -0.47 2.68 -23.03
CA ASN A 63 -0.16 2.08 -21.74
C ASN A 63 0.01 0.58 -21.86
N THR A 64 -0.95 -0.07 -22.51
CA THR A 64 -0.89 -1.51 -22.66
C THR A 64 0.38 -1.97 -23.37
N GLN A 65 0.79 -1.28 -24.43
CA GLN A 65 2.01 -1.70 -25.11
C GLN A 65 3.24 -1.58 -24.23
N ILE A 66 3.29 -0.53 -23.41
CA ILE A 66 4.41 -0.32 -22.52
C ILE A 66 4.49 -1.46 -21.50
N PHE A 67 3.35 -1.79 -20.89
CA PHE A 67 3.32 -2.86 -19.89
C PHE A 67 3.54 -4.23 -20.51
N LYS A 68 3.15 -4.41 -21.77
CA LYS A 68 3.36 -5.68 -22.44
C LYS A 68 4.86 -5.78 -22.75
N THR A 69 5.42 -4.68 -23.23
CA THR A 69 6.84 -4.66 -23.52
C THR A 69 7.61 -4.89 -22.22
N ASN A 70 7.17 -4.25 -21.14
CA ASN A 70 7.84 -4.43 -19.84
C ASN A 70 7.76 -5.85 -19.37
N THR A 71 6.60 -6.48 -19.59
CA THR A 71 6.42 -7.87 -19.20
C THR A 71 7.56 -8.72 -19.74
N GLN A 72 7.93 -8.50 -21.00
CA GLN A 72 9.02 -9.26 -21.61
C GLN A 72 10.39 -8.88 -21.05
N THR A 73 10.67 -7.58 -20.99
CA THR A 73 11.95 -7.10 -20.50
C THR A 73 12.24 -7.52 -19.06
N TYR A 74 11.23 -7.53 -18.19
CA TYR A 74 11.47 -7.93 -16.81
C TYR A 74 11.79 -9.41 -16.68
N ARG A 75 11.30 -10.21 -17.64
CA ARG A 75 11.59 -11.63 -17.63
C ARG A 75 13.08 -11.78 -17.94
N GLU A 76 13.59 -10.90 -18.80
CA GLU A 76 15.01 -10.94 -19.14
C GLU A 76 15.82 -10.48 -17.91
N SER A 77 15.36 -9.40 -17.29
CA SER A 77 16.04 -8.89 -16.12
C SER A 77 16.08 -9.91 -14.98
N LEU A 78 15.00 -10.67 -14.79
CA LEU A 78 14.98 -11.69 -13.75
C LEU A 78 16.03 -12.76 -14.06
N ARG A 79 16.23 -13.07 -15.35
CA ARG A 79 17.22 -14.07 -15.73
C ARG A 79 18.61 -13.49 -15.44
N ASN A 80 18.80 -12.22 -15.77
CA ASN A 80 20.08 -11.56 -15.53
C ASN A 80 20.45 -11.56 -14.05
N LEU A 81 19.54 -11.12 -13.18
CA LEU A 81 19.84 -11.10 -11.75
C LEU A 81 20.06 -12.48 -11.16
N ARG A 82 19.36 -13.48 -11.66
CA ARG A 82 19.56 -14.81 -11.13
C ARG A 82 21.04 -15.13 -11.32
N GLY A 83 21.54 -14.82 -12.52
CA GLY A 83 22.94 -15.07 -12.82
C GLY A 83 23.90 -14.24 -12.00
N TYR A 84 23.57 -12.95 -11.80
CA TYR A 84 24.41 -12.05 -11.00
C TYR A 84 24.65 -12.57 -9.58
N TYR A 85 23.71 -13.36 -9.08
CA TYR A 85 23.84 -13.91 -7.72
C TYR A 85 24.18 -15.40 -7.74
N ASN A 86 24.45 -15.92 -8.93
CA ASN A 86 24.81 -17.33 -9.12
C ASN A 86 23.71 -18.22 -8.55
N GLN A 87 22.47 -17.77 -8.65
CA GLN A 87 21.36 -18.55 -8.11
C GLN A 87 20.85 -19.67 -8.99
N SER A 88 20.16 -20.61 -8.37
CA SER A 88 19.60 -21.77 -9.05
C SER A 88 18.39 -21.37 -9.90
N GLU A 89 18.10 -22.17 -10.90
CA GLU A 89 16.96 -21.90 -11.78
C GLU A 89 15.70 -22.46 -11.16
N ALA A 90 15.85 -23.13 -10.02
CA ALA A 90 14.71 -23.73 -9.33
C ALA A 90 13.98 -22.82 -8.33
N GLY A 91 14.55 -21.65 -8.03
CA GLY A 91 13.90 -20.78 -7.07
C GLY A 91 13.08 -19.67 -7.68
N SER A 92 12.13 -19.14 -6.91
CA SER A 92 11.30 -18.05 -7.40
C SER A 92 11.87 -16.74 -6.87
N HIS A 93 11.92 -15.74 -7.73
CA HIS A 93 12.46 -14.47 -7.31
C HIS A 93 11.58 -13.30 -7.69
N ILE A 94 11.85 -12.13 -7.09
CA ILE A 94 11.07 -10.94 -7.36
C ILE A 94 11.86 -9.65 -7.54
N ILE A 95 11.61 -8.95 -8.63
CA ILE A 95 12.20 -7.63 -8.88
C ILE A 95 11.02 -6.67 -8.67
N GLN A 96 11.25 -5.56 -7.97
CA GLN A 96 10.21 -4.59 -7.73
C GLN A 96 10.76 -3.25 -8.14
N ARG A 97 9.90 -2.37 -8.66
CA ARG A 97 10.36 -1.04 -9.03
C ARG A 97 9.28 -0.01 -8.71
N MET A 98 9.71 1.09 -8.11
CA MET A 98 8.82 2.21 -7.73
C MET A 98 9.42 3.44 -8.36
N TYR A 99 8.61 4.25 -9.00
CA TYR A 99 9.13 5.47 -9.59
C TYR A 99 8.02 6.49 -9.71
N GLY A 100 8.39 7.77 -9.75
CA GLY A 100 7.37 8.78 -9.85
C GLY A 100 7.92 10.13 -9.51
N CYS A 101 7.03 11.12 -9.44
CA CYS A 101 7.43 12.47 -9.14
C CYS A 101 6.63 13.06 -8.00
N ASP A 102 7.25 13.94 -7.23
CA ASP A 102 6.57 14.63 -6.14
C ASP A 102 6.41 16.08 -6.54
N LEU A 103 5.22 16.62 -6.30
CA LEU A 103 4.94 18.02 -6.61
C LEU A 103 4.74 18.79 -5.31
N GLY A 104 5.19 20.04 -5.29
CA GLY A 104 5.02 20.86 -4.11
C GLY A 104 3.61 21.41 -4.06
N PRO A 105 3.19 22.04 -2.94
CA PRO A 105 1.84 22.59 -2.85
C PRO A 105 1.53 23.61 -3.95
N ASP A 106 2.56 24.10 -4.63
CA ASP A 106 2.37 25.07 -5.70
C ASP A 106 2.24 24.37 -7.05
N GLY A 107 2.69 23.11 -7.12
CA GLY A 107 2.61 22.37 -8.36
C GLY A 107 3.94 22.15 -9.04
N ARG A 108 5.02 22.65 -8.43
CA ARG A 108 6.35 22.49 -9.00
C ARG A 108 6.99 21.16 -8.56
N LEU A 109 7.81 20.59 -9.43
CA LEU A 109 8.49 19.34 -9.12
C LEU A 109 9.32 19.49 -7.86
N LEU A 110 9.00 18.71 -6.83
CA LEU A 110 9.76 18.77 -5.60
C LEU A 110 10.97 17.84 -5.79
N ARG A 111 10.71 16.62 -6.25
CA ARG A 111 11.78 15.66 -6.53
C ARG A 111 11.24 14.43 -7.26
N GLY A 112 12.14 13.71 -7.93
CA GLY A 112 11.77 12.51 -8.66
C GLY A 112 12.33 11.26 -7.99
N HIS A 113 11.75 10.10 -8.28
CA HIS A 113 12.19 8.84 -7.68
C HIS A 113 12.22 7.66 -8.67
N ASP A 114 13.14 6.73 -8.43
CA ASP A 114 13.24 5.51 -9.22
C ASP A 114 14.12 4.51 -8.50
N GLN A 115 13.51 3.58 -7.77
CA GLN A 115 14.28 2.60 -7.02
C GLN A 115 13.80 1.19 -7.31
N SER A 116 14.73 0.24 -7.22
CA SER A 116 14.42 -1.16 -7.44
C SER A 116 14.91 -2.01 -6.28
N ALA A 117 14.34 -3.20 -6.17
CA ALA A 117 14.72 -4.13 -5.13
C ALA A 117 14.66 -5.51 -5.76
N TYR A 118 15.40 -6.44 -5.18
CA TYR A 118 15.43 -7.82 -5.65
C TYR A 118 15.18 -8.64 -4.41
N ASP A 119 14.14 -9.45 -4.46
CA ASP A 119 13.76 -10.28 -3.33
C ASP A 119 13.54 -9.46 -2.06
N GLY A 120 13.01 -8.25 -2.23
CA GLY A 120 12.71 -7.40 -1.10
C GLY A 120 13.85 -6.59 -0.50
N LYS A 121 15.03 -6.69 -1.10
CA LYS A 121 16.18 -5.93 -0.63
C LYS A 121 16.53 -4.88 -1.64
N ASP A 122 16.79 -3.66 -1.17
CA ASP A 122 17.16 -2.59 -2.08
C ASP A 122 18.24 -3.07 -3.04
N TYR A 123 18.13 -2.70 -4.32
CA TYR A 123 19.09 -3.16 -5.32
C TYR A 123 19.80 -1.96 -5.95
N ILE A 124 19.04 -1.13 -6.65
CA ILE A 124 19.61 0.05 -7.27
C ILE A 124 18.61 1.19 -7.24
N ALA A 125 19.11 2.40 -6.99
CA ALA A 125 18.24 3.56 -6.93
C ALA A 125 18.86 4.76 -7.62
N LEU A 126 18.02 5.49 -8.34
CA LEU A 126 18.47 6.72 -9.01
C LEU A 126 18.56 7.76 -7.89
N ASN A 127 19.68 8.49 -7.83
CA ASN A 127 19.86 9.50 -6.80
C ASN A 127 18.96 10.71 -7.02
N GLU A 128 18.87 11.57 -6.00
CA GLU A 128 18.01 12.74 -6.09
C GLU A 128 18.39 13.69 -7.20
N ASP A 129 19.66 13.64 -7.61
CA ASP A 129 20.14 14.51 -8.68
C ASP A 129 19.56 14.06 -10.02
N LEU A 130 19.01 12.85 -10.04
CA LEU A 130 18.43 12.25 -11.24
C LEU A 130 19.49 12.05 -12.32
N SER A 131 20.74 11.91 -11.87
CA SER A 131 21.85 11.75 -12.79
C SER A 131 22.81 10.63 -12.40
N SER A 132 22.83 10.25 -11.13
CA SER A 132 23.71 9.19 -10.68
C SER A 132 22.98 8.06 -9.97
N TRP A 133 23.65 6.93 -9.80
CA TRP A 133 23.06 5.77 -9.14
C TRP A 133 23.76 5.33 -7.88
N THR A 134 22.99 4.64 -7.04
CA THR A 134 23.50 4.06 -5.81
C THR A 134 23.14 2.58 -5.93
N ALA A 135 24.15 1.74 -6.12
CA ALA A 135 23.95 0.30 -6.25
C ALA A 135 24.25 -0.30 -4.89
N ALA A 136 23.43 -1.24 -4.45
CA ALA A 136 23.61 -1.85 -3.14
C ALA A 136 24.80 -2.82 -3.03
N ASP A 137 25.00 -3.65 -4.04
CA ASP A 137 26.07 -4.64 -4.01
C ASP A 137 26.75 -4.76 -5.37
N THR A 138 27.71 -5.67 -5.46
CA THR A 138 28.45 -5.89 -6.70
C THR A 138 27.59 -6.39 -7.85
N ALA A 139 26.42 -6.91 -7.52
CA ALA A 139 25.51 -7.39 -8.55
C ALA A 139 24.85 -6.16 -9.16
N ALA A 140 24.34 -5.28 -8.29
CA ALA A 140 23.69 -4.07 -8.76
C ALA A 140 24.69 -3.20 -9.51
N GLN A 141 25.97 -3.35 -9.19
CA GLN A 141 27.00 -2.58 -9.86
C GLN A 141 27.08 -2.93 -11.34
N ILE A 142 26.64 -4.14 -11.69
CA ILE A 142 26.66 -4.56 -13.07
C ILE A 142 25.49 -3.89 -13.79
N THR A 143 24.37 -3.81 -13.09
CA THR A 143 23.18 -3.16 -13.63
C THR A 143 23.53 -1.68 -13.83
N GLN A 144 24.29 -1.13 -12.88
CA GLN A 144 24.68 0.27 -12.95
C GLN A 144 25.54 0.58 -14.19
N ARG A 145 26.64 -0.14 -14.35
CA ARG A 145 27.52 0.11 -15.50
C ARG A 145 26.70 0.04 -16.78
N LYS A 146 25.80 -0.94 -16.83
CA LYS A 146 24.93 -1.15 -17.99
C LYS A 146 23.98 0.02 -18.20
N TRP A 147 23.39 0.53 -17.12
CA TRP A 147 22.48 1.65 -17.23
C TRP A 147 23.22 2.97 -17.50
N GLU A 148 24.46 3.08 -17.03
CA GLU A 148 25.21 4.30 -17.30
C GLU A 148 25.61 4.26 -18.78
N ALA A 149 26.02 3.08 -19.24
CA ALA A 149 26.42 2.91 -20.63
C ALA A 149 25.27 3.18 -21.59
N ALA A 150 24.03 3.02 -21.12
CA ALA A 150 22.86 3.24 -21.97
C ALA A 150 22.16 4.58 -21.72
N ARG A 151 22.80 5.44 -20.92
CA ARG A 151 22.23 6.75 -20.59
C ARG A 151 20.79 6.65 -20.07
N VAL A 152 20.56 5.72 -19.16
CA VAL A 152 19.24 5.52 -18.58
C VAL A 152 18.81 6.69 -17.70
N ALA A 153 19.73 7.15 -16.86
CA ALA A 153 19.42 8.26 -15.96
C ALA A 153 18.91 9.44 -16.77
N GLU A 154 19.56 9.71 -17.90
CA GLU A 154 19.16 10.82 -18.75
C GLU A 154 17.71 10.71 -19.21
N GLN A 155 17.27 9.49 -19.48
CA GLN A 155 15.90 9.28 -19.93
C GLN A 155 14.92 9.38 -18.77
N LEU A 156 15.31 8.85 -17.61
CA LEU A 156 14.45 8.91 -16.43
C LEU A 156 14.25 10.37 -16.03
N ARG A 157 15.33 11.14 -16.00
CA ARG A 157 15.26 12.55 -15.65
C ARG A 157 14.30 13.32 -16.58
N ALA A 158 14.34 13.01 -17.87
CA ALA A 158 13.48 13.70 -18.83
C ALA A 158 12.02 13.37 -18.56
N TYR A 159 11.75 12.11 -18.24
CA TYR A 159 10.38 11.68 -17.95
C TYR A 159 9.92 12.26 -16.61
N LEU A 160 10.75 12.12 -15.60
CA LEU A 160 10.43 12.61 -14.27
C LEU A 160 10.15 14.11 -14.21
N GLU A 161 10.96 14.90 -14.91
CA GLU A 161 10.78 16.34 -14.94
C GLU A 161 9.77 16.75 -16.01
N GLY A 162 9.54 15.86 -16.97
CA GLY A 162 8.61 16.17 -18.04
C GLY A 162 7.23 15.55 -17.96
N LEU A 163 7.05 14.43 -18.66
CA LEU A 163 5.77 13.73 -18.68
C LEU A 163 5.16 13.42 -17.32
N CYS A 164 5.98 12.99 -16.37
CA CYS A 164 5.49 12.66 -15.03
C CYS A 164 4.71 13.80 -14.42
N VAL A 165 5.34 14.96 -14.30
CA VAL A 165 4.70 16.13 -13.71
C VAL A 165 3.50 16.60 -14.55
N GLU A 166 3.64 16.52 -15.87
CA GLU A 166 2.56 16.94 -16.77
C GLU A 166 1.29 16.15 -16.57
N TRP A 167 1.40 14.83 -16.59
CA TRP A 167 0.24 13.96 -16.41
C TRP A 167 -0.33 14.00 -15.01
N LEU A 168 0.53 14.21 -14.02
CA LEU A 168 0.05 14.28 -12.64
C LEU A 168 -0.83 15.52 -12.50
N ARG A 169 -0.38 16.65 -13.06
CA ARG A 169 -1.19 17.88 -12.99
C ARG A 169 -2.50 17.72 -13.73
N ARG A 170 -2.49 16.92 -14.80
CA ARG A 170 -3.69 16.69 -15.58
C ARG A 170 -4.67 15.84 -14.76
N TYR A 171 -4.12 14.83 -14.08
CA TYR A 171 -4.94 13.94 -13.26
C TYR A 171 -5.50 14.69 -12.06
N LEU A 172 -4.68 15.54 -11.45
CA LEU A 172 -5.11 16.31 -10.30
C LEU A 172 -6.29 17.21 -10.65
N GLU A 173 -6.28 17.73 -11.88
CA GLU A 173 -7.36 18.59 -12.35
C GLU A 173 -8.61 17.79 -12.69
N ASN A 174 -8.47 16.70 -13.46
CA ASN A 174 -9.63 15.89 -13.82
C ASN A 174 -10.28 15.22 -12.62
N GLY A 175 -9.49 14.95 -11.57
CA GLY A 175 -10.05 14.31 -10.40
C GLY A 175 -9.98 15.21 -9.19
N LYS A 176 -10.01 16.52 -9.42
CA LYS A 176 -9.91 17.48 -8.32
C LYS A 176 -10.96 17.32 -7.23
N GLU A 177 -12.18 16.92 -7.59
CA GLU A 177 -13.23 16.77 -6.58
C GLU A 177 -12.88 15.76 -5.48
N THR A 178 -11.98 14.85 -5.79
CA THR A 178 -11.57 13.82 -4.83
C THR A 178 -10.08 13.91 -4.51
N LEU A 179 -9.26 14.02 -5.55
CA LEU A 179 -7.81 14.09 -5.36
C LEU A 179 -7.35 15.32 -4.60
N GLN A 180 -8.10 16.41 -4.70
CA GLN A 180 -7.73 17.64 -4.01
C GLN A 180 -8.69 17.94 -2.86
N ARG A 181 -9.31 16.90 -2.34
CA ARG A 181 -10.23 17.02 -1.21
C ARG A 181 -9.73 16.16 -0.06
N ALA A 182 -9.36 16.78 1.05
CA ALA A 182 -8.91 16.02 2.21
C ALA A 182 -10.12 15.79 3.09
N ASP A 183 -10.35 14.54 3.48
CA ASP A 183 -11.49 14.23 4.35
C ASP A 183 -10.96 14.04 5.78
N PRO A 184 -11.38 14.89 6.73
CA PRO A 184 -10.91 14.77 8.11
C PRO A 184 -11.37 13.49 8.81
N PRO A 185 -10.59 13.01 9.78
CA PRO A 185 -11.02 11.79 10.45
C PRO A 185 -12.18 12.02 11.43
N LYS A 186 -13.04 11.03 11.58
CA LYS A 186 -14.14 11.12 12.54
C LYS A 186 -13.49 10.48 13.76
N THR A 187 -13.38 11.23 14.86
CA THR A 187 -12.72 10.71 16.04
C THR A 187 -13.57 10.51 17.29
N HIS A 188 -13.16 9.55 18.11
CA HIS A 188 -13.83 9.27 19.38
C HIS A 188 -12.94 8.38 20.23
N VAL A 189 -13.25 8.27 21.52
CA VAL A 189 -12.46 7.45 22.42
C VAL A 189 -13.31 6.39 23.07
N THR A 190 -12.83 5.14 23.06
CA THR A 190 -13.57 4.07 23.68
C THR A 190 -12.86 3.65 24.96
N HIS A 191 -13.59 2.94 25.82
CA HIS A 191 -13.06 2.52 27.10
C HIS A 191 -13.37 1.03 27.27
N HIS A 192 -12.32 0.24 27.51
CA HIS A 192 -12.48 -1.20 27.68
C HIS A 192 -11.80 -1.65 28.97
N PRO A 193 -12.58 -1.86 30.03
CA PRO A 193 -12.00 -2.30 31.30
C PRO A 193 -11.29 -3.65 31.16
N VAL A 194 -10.05 -3.73 31.61
CA VAL A 194 -9.30 -4.98 31.52
C VAL A 194 -9.34 -5.71 32.87
N SER A 195 -9.07 -4.98 33.95
CA SER A 195 -9.10 -5.57 35.28
C SER A 195 -9.72 -4.56 36.25
N ASP A 196 -9.68 -4.84 37.54
CA ASP A 196 -10.28 -3.91 38.50
C ASP A 196 -9.53 -2.59 38.61
N HIS A 197 -8.24 -2.59 38.28
CA HIS A 197 -7.45 -1.37 38.37
C HIS A 197 -6.90 -0.83 37.06
N GLU A 198 -7.15 -1.52 35.96
CA GLU A 198 -6.68 -1.04 34.65
C GLU A 198 -7.78 -1.09 33.61
N ALA A 199 -7.69 -0.19 32.64
CA ALA A 199 -8.65 -0.11 31.56
C ALA A 199 -7.95 0.38 30.28
N THR A 200 -8.46 -0.04 29.14
CA THR A 200 -7.89 0.37 27.86
C THR A 200 -8.64 1.54 27.24
N LEU A 201 -7.90 2.58 26.87
CA LEU A 201 -8.50 3.74 26.21
C LEU A 201 -8.05 3.63 24.75
N ARG A 202 -8.99 3.59 23.83
CA ARG A 202 -8.63 3.48 22.43
C ARG A 202 -9.15 4.69 21.67
N CYS A 203 -8.22 5.42 21.06
CA CYS A 203 -8.55 6.61 20.30
C CYS A 203 -8.73 6.22 18.83
N TRP A 204 -9.93 6.47 18.29
CA TRP A 204 -10.22 6.13 16.92
C TRP A 204 -10.21 7.31 15.94
N ALA A 205 -9.83 6.99 14.70
CA ALA A 205 -9.80 7.96 13.60
C ALA A 205 -10.36 7.16 12.43
N LEU A 206 -11.50 7.60 11.91
CA LEU A 206 -12.16 6.89 10.82
C LEU A 206 -12.53 7.79 9.64
N GLY A 207 -12.68 7.17 8.48
CA GLY A 207 -13.08 7.87 7.28
C GLY A 207 -12.21 9.00 6.77
N PHE A 208 -10.91 8.96 7.02
CA PHE A 208 -10.05 10.05 6.55
C PHE A 208 -9.29 9.75 5.26
N TYR A 209 -8.97 10.83 4.54
CA TYR A 209 -8.21 10.80 3.30
C TYR A 209 -7.45 12.12 3.21
N PRO A 210 -6.14 12.07 2.88
CA PRO A 210 -5.30 10.91 2.57
C PRO A 210 -4.95 10.06 3.81
N ALA A 211 -4.12 9.04 3.62
CA ALA A 211 -3.75 8.14 4.71
C ALA A 211 -2.84 8.72 5.79
N GLU A 212 -2.05 9.73 5.46
CA GLU A 212 -1.15 10.37 6.41
C GLU A 212 -1.93 10.91 7.61
N ILE A 213 -1.48 10.57 8.82
CA ILE A 213 -2.16 11.01 10.02
C ILE A 213 -1.26 10.79 11.24
N THR A 214 -1.49 11.57 12.29
CA THR A 214 -0.74 11.46 13.52
C THR A 214 -1.70 11.24 14.66
N LEU A 215 -1.50 10.14 15.39
CA LEU A 215 -2.36 9.75 16.49
C LEU A 215 -1.47 9.44 17.69
N THR A 216 -1.63 10.18 18.79
CA THR A 216 -0.82 9.94 19.98
C THR A 216 -1.56 10.16 21.29
N TRP A 217 -1.14 9.41 22.31
CA TRP A 217 -1.71 9.53 23.63
C TRP A 217 -0.69 10.23 24.52
N GLN A 218 -1.18 11.14 25.35
CA GLN A 218 -0.33 11.86 26.27
C GLN A 218 -0.91 11.68 27.66
N ARG A 219 -0.02 11.61 28.65
CA ARG A 219 -0.43 11.47 30.04
C ARG A 219 0.13 12.70 30.74
N ASP A 220 -0.75 13.55 31.24
CA ASP A 220 -0.26 14.75 31.86
C ASP A 220 0.50 15.73 30.93
N GLY A 221 0.16 15.83 29.64
CA GLY A 221 0.73 16.81 28.67
C GLY A 221 1.91 16.26 27.85
N GLU A 222 2.35 15.08 28.40
CA GLU A 222 3.41 14.14 28.09
C GLU A 222 3.09 12.98 27.17
N ASP A 223 4.04 12.54 26.34
CA ASP A 223 3.78 11.45 25.41
C ASP A 223 4.13 10.03 25.85
N GLN A 224 3.15 9.13 25.54
CA GLN A 224 3.19 7.68 25.92
C GLN A 224 3.55 6.79 24.74
N THR A 225 4.52 7.24 23.97
CA THR A 225 5.04 6.56 22.80
C THR A 225 5.32 5.08 23.04
N GLN A 226 6.21 4.80 23.99
CA GLN A 226 6.58 3.43 24.29
C GLN A 226 5.44 2.61 24.89
N ASP A 227 4.40 3.29 25.37
CA ASP A 227 3.27 2.60 25.98
C ASP A 227 2.01 2.59 25.14
N THR A 228 2.09 3.17 23.94
CA THR A 228 0.94 3.22 23.05
C THR A 228 0.94 2.11 22.01
N GLU A 229 -0.19 1.43 21.88
CA GLU A 229 -0.35 0.39 20.87
C GLU A 229 -0.92 1.12 19.66
N LEU A 230 -0.18 1.13 18.56
CA LEU A 230 -0.61 1.84 17.38
C LEU A 230 -0.76 0.87 16.21
N VAL A 231 -1.99 0.67 15.75
CA VAL A 231 -2.16 -0.24 14.62
C VAL A 231 -1.81 0.48 13.33
N GLU A 232 -1.51 -0.29 12.30
CA GLU A 232 -1.14 0.28 11.02
C GLU A 232 -2.37 0.86 10.34
N THR A 233 -2.22 2.05 9.75
CA THR A 233 -3.34 2.66 9.06
C THR A 233 -3.86 1.62 8.07
N ARG A 234 -5.16 1.45 8.00
CA ARG A 234 -5.76 0.45 7.14
C ARG A 234 -6.84 1.07 6.27
N PRO A 235 -7.03 0.53 5.06
CA PRO A 235 -8.04 1.03 4.11
C PRO A 235 -9.43 0.49 4.44
N ALA A 236 -10.43 1.37 4.38
CA ALA A 236 -11.81 0.99 4.67
C ALA A 236 -12.47 0.35 3.46
N GLY A 237 -11.96 0.65 2.27
CA GLY A 237 -12.51 0.07 1.06
C GLY A 237 -13.36 1.03 0.25
N ASP A 238 -13.48 2.26 0.75
CA ASP A 238 -14.25 3.29 0.09
C ASP A 238 -13.36 4.51 -0.13
N ARG A 239 -12.07 4.25 -0.32
CA ARG A 239 -11.05 5.29 -0.54
C ARG A 239 -10.48 5.84 0.76
N THR A 240 -11.21 5.71 1.86
CA THR A 240 -10.73 6.25 3.15
C THR A 240 -9.97 5.24 4.01
N PHE A 241 -9.31 5.77 5.02
CA PHE A 241 -8.52 4.94 5.92
C PHE A 241 -8.95 5.05 7.38
N GLN A 242 -8.47 4.11 8.18
CA GLN A 242 -8.79 4.03 9.60
C GLN A 242 -7.50 3.79 10.38
N LYS A 243 -7.48 4.21 11.64
CA LYS A 243 -6.33 4.01 12.49
C LYS A 243 -6.76 4.23 13.94
N TRP A 244 -6.13 3.52 14.86
CA TRP A 244 -6.40 3.70 16.28
C TRP A 244 -5.15 3.52 17.11
N ALA A 245 -5.14 4.16 18.27
CA ALA A 245 -4.02 4.08 19.19
C ALA A 245 -4.60 3.74 20.54
N ALA A 246 -3.95 2.83 21.27
CA ALA A 246 -4.47 2.44 22.55
C ALA A 246 -3.42 2.48 23.66
N VAL A 247 -3.88 2.72 24.88
CA VAL A 247 -3.01 2.79 26.03
C VAL A 247 -3.79 2.23 27.23
N VAL A 248 -3.12 1.43 28.05
CA VAL A 248 -3.76 0.86 29.23
C VAL A 248 -3.47 1.82 30.35
N VAL A 249 -4.51 2.20 31.07
CA VAL A 249 -4.33 3.16 32.14
C VAL A 249 -4.90 2.68 33.47
N PRO A 250 -4.46 3.30 34.57
CA PRO A 250 -4.96 2.92 35.90
C PRO A 250 -6.39 3.42 36.01
N SER A 251 -7.29 2.58 36.51
CA SER A 251 -8.68 2.98 36.66
C SER A 251 -8.72 4.21 37.54
N GLY A 252 -9.50 5.20 37.13
CA GLY A 252 -9.62 6.43 37.89
C GLY A 252 -8.74 7.53 37.35
N GLU A 253 -7.69 7.16 36.64
CA GLU A 253 -6.76 8.14 36.07
C GLU A 253 -7.01 8.48 34.61
N GLU A 254 -8.13 8.01 34.06
CA GLU A 254 -8.46 8.25 32.66
C GLU A 254 -8.49 9.72 32.22
N GLN A 255 -8.80 10.62 33.14
CA GLN A 255 -8.86 12.03 32.79
C GLN A 255 -7.51 12.69 32.63
N ARG A 256 -6.45 11.96 32.97
CA ARG A 256 -5.11 12.50 32.85
C ARG A 256 -4.54 12.20 31.46
N TYR A 257 -5.30 11.45 30.66
CA TYR A 257 -4.88 11.07 29.31
C TYR A 257 -5.63 11.81 28.20
N THR A 258 -4.88 12.32 27.22
CA THR A 258 -5.51 13.01 26.10
C THR A 258 -4.97 12.47 24.79
N CYS A 259 -5.86 12.36 23.82
CA CYS A 259 -5.52 11.88 22.49
C CYS A 259 -5.38 13.07 21.57
N HIS A 260 -4.33 13.07 20.76
CA HIS A 260 -4.10 14.16 19.84
C HIS A 260 -4.08 13.67 18.40
N VAL A 261 -4.89 14.32 17.57
CA VAL A 261 -5.02 13.96 16.17
C VAL A 261 -4.59 15.05 15.21
N GLN A 262 -3.68 14.72 14.32
CA GLN A 262 -3.22 15.67 13.32
C GLN A 262 -3.53 15.06 11.97
N HIS A 263 -4.20 15.84 11.12
CA HIS A 263 -4.52 15.39 9.78
C HIS A 263 -4.70 16.59 8.86
N GLU A 264 -4.24 16.44 7.62
CA GLU A 264 -4.34 17.49 6.63
C GLU A 264 -5.75 18.08 6.58
N GLY A 265 -6.75 17.22 6.74
CA GLY A 265 -8.12 17.65 6.72
C GLY A 265 -8.56 18.41 7.96
N LEU A 266 -7.67 18.56 8.93
CA LEU A 266 -8.01 19.29 10.16
C LEU A 266 -7.34 20.66 10.20
N PRO A 267 -8.16 21.72 10.22
CA PRO A 267 -7.63 23.09 10.27
C PRO A 267 -6.76 23.28 11.51
N LYS A 268 -7.08 22.49 12.55
CA LYS A 268 -6.34 22.53 13.79
C LYS A 268 -6.31 21.16 14.44
N PRO A 269 -5.14 20.75 14.95
CA PRO A 269 -5.04 19.44 15.59
C PRO A 269 -6.16 19.26 16.62
N LEU A 270 -6.59 18.03 16.82
CA LEU A 270 -7.65 17.75 17.77
C LEU A 270 -7.13 17.13 19.05
N THR A 271 -7.82 17.40 20.14
CA THR A 271 -7.47 16.85 21.44
C THR A 271 -8.72 16.18 21.98
N LEU A 272 -8.62 14.88 22.24
CA LEU A 272 -9.76 14.13 22.76
C LEU A 272 -9.43 13.45 24.08
N ARG A 273 -10.45 13.14 24.82
CA ARG A 273 -10.36 12.47 26.11
C ARG A 273 -11.59 11.59 26.20
N TRP A 274 -11.55 10.56 27.03
CA TRP A 274 -12.70 9.69 27.18
C TRP A 274 -13.80 10.46 27.88
N GLU A 275 -15.01 10.39 27.32
CA GLU A 275 -16.16 11.06 27.88
C GLU A 275 -17.14 10.02 28.41
N PRO A 276 -17.02 9.67 29.70
CA PRO A 276 -17.87 8.67 30.35
C PRO A 276 -19.35 8.96 30.16
N ILE B 1 15.56 -11.61 3.71
CA ILE B 1 14.94 -12.98 3.71
C ILE B 1 13.45 -12.88 3.40
N GLN B 2 12.61 -13.43 4.27
CA GLN B 2 11.16 -13.39 4.08
C GLN B 2 10.48 -12.66 5.25
N ARG B 3 9.32 -12.07 4.98
CA ARG B 3 8.60 -11.36 6.01
C ARG B 3 7.17 -11.85 6.17
N THR B 4 6.79 -12.15 7.41
CA THR B 4 5.47 -12.67 7.72
C THR B 4 4.43 -11.56 7.66
N PRO B 5 3.20 -11.89 7.24
CA PRO B 5 2.14 -10.90 7.13
C PRO B 5 1.47 -10.43 8.43
N LYS B 6 1.19 -9.13 8.50
CA LYS B 6 0.49 -8.54 9.61
C LYS B 6 -0.96 -8.72 9.14
N ILE B 7 -1.89 -8.93 10.07
CA ILE B 7 -3.28 -9.14 9.70
C ILE B 7 -4.24 -8.34 10.58
N GLN B 8 -5.19 -7.66 9.94
CA GLN B 8 -6.21 -6.92 10.67
C GLN B 8 -7.56 -7.25 10.04
N VAL B 9 -8.52 -7.64 10.88
CA VAL B 9 -9.86 -7.97 10.41
C VAL B 9 -10.77 -6.91 11.02
N TYR B 10 -11.60 -6.29 10.18
CA TYR B 10 -12.48 -5.22 10.63
C TYR B 10 -13.57 -4.92 9.60
N SER B 11 -14.44 -3.99 9.96
CA SER B 11 -15.53 -3.60 9.07
C SER B 11 -15.32 -2.20 8.50
N ARG B 12 -15.87 -1.96 7.32
CA ARG B 12 -15.75 -0.67 6.67
C ARG B 12 -16.47 0.40 7.48
N HIS B 13 -17.70 0.09 7.90
CA HIS B 13 -18.52 1.01 8.69
C HIS B 13 -18.68 0.45 10.10
N PRO B 14 -19.13 1.28 11.07
CA PRO B 14 -19.30 0.77 12.43
C PRO B 14 -20.32 -0.37 12.39
N ALA B 15 -20.02 -1.45 13.10
CA ALA B 15 -20.88 -2.62 13.12
C ALA B 15 -22.24 -2.38 13.78
N GLU B 16 -23.30 -2.73 13.04
CA GLU B 16 -24.67 -2.60 13.50
C GLU B 16 -25.41 -3.90 13.18
N ASN B 17 -25.58 -4.75 14.18
CA ASN B 17 -26.28 -6.01 13.98
C ASN B 17 -27.49 -5.86 13.09
N GLY B 18 -27.63 -6.75 12.12
CA GLY B 18 -28.76 -6.70 11.21
C GLY B 18 -28.62 -5.72 10.07
N LYS B 19 -27.51 -4.98 10.05
CA LYS B 19 -27.29 -4.00 8.98
C LYS B 19 -26.13 -4.38 8.04
N SER B 20 -26.38 -4.27 6.73
CA SER B 20 -25.38 -4.60 5.73
C SER B 20 -24.15 -3.71 5.83
N ASN B 21 -22.98 -4.35 5.79
CA ASN B 21 -21.71 -3.66 5.91
C ASN B 21 -20.72 -4.40 5.00
N PHE B 22 -19.43 -4.16 5.22
CA PHE B 22 -18.39 -4.84 4.46
C PHE B 22 -17.35 -5.36 5.45
N LEU B 23 -16.93 -6.60 5.27
CA LEU B 23 -15.93 -7.22 6.14
C LEU B 23 -14.58 -7.13 5.44
N ASN B 24 -13.59 -6.58 6.13
CA ASN B 24 -12.24 -6.42 5.56
C ASN B 24 -11.16 -7.22 6.27
N CYS B 25 -10.19 -7.70 5.48
CA CYS B 25 -9.03 -8.39 6.04
C CYS B 25 -7.87 -7.75 5.30
N TYR B 26 -7.07 -7.00 6.04
CA TYR B 26 -5.93 -6.31 5.48
C TYR B 26 -4.64 -7.01 5.86
N VAL B 27 -3.95 -7.55 4.87
CA VAL B 27 -2.68 -8.24 5.08
C VAL B 27 -1.56 -7.32 4.58
N SER B 28 -0.58 -7.06 5.42
CA SER B 28 0.51 -6.17 5.04
C SER B 28 1.88 -6.60 5.54
N GLY B 29 2.90 -5.86 5.10
CA GLY B 29 4.27 -6.13 5.51
C GLY B 29 4.86 -7.49 5.18
N PHE B 30 4.29 -8.18 4.20
CA PHE B 30 4.80 -9.51 3.86
C PHE B 30 5.61 -9.57 2.56
N HIS B 31 6.44 -10.62 2.48
CA HIS B 31 7.30 -10.86 1.31
C HIS B 31 7.75 -12.32 1.47
N PRO B 32 7.69 -13.12 0.39
CA PRO B 32 7.26 -12.77 -0.97
C PRO B 32 5.77 -12.46 -1.07
N SER B 33 5.31 -12.23 -2.30
CA SER B 33 3.92 -11.85 -2.53
C SER B 33 2.83 -12.90 -2.53
N ASP B 34 3.16 -14.15 -2.82
CA ASP B 34 2.13 -15.19 -2.81
C ASP B 34 1.51 -15.30 -1.42
N ILE B 35 0.20 -15.29 -1.35
CA ILE B 35 -0.45 -15.40 -0.05
C ILE B 35 -1.86 -15.92 -0.25
N GLU B 36 -2.35 -16.68 0.72
CA GLU B 36 -3.70 -17.22 0.64
C GLU B 36 -4.55 -16.63 1.75
N VAL B 37 -5.59 -15.90 1.37
CA VAL B 37 -6.46 -15.27 2.35
C VAL B 37 -7.91 -15.67 2.16
N ASP B 38 -8.53 -16.14 3.23
CA ASP B 38 -9.94 -16.53 3.19
C ASP B 38 -10.68 -15.85 4.32
N LEU B 39 -11.90 -15.40 4.03
CA LEU B 39 -12.75 -14.80 5.04
C LEU B 39 -13.68 -15.93 5.44
N LEU B 40 -13.91 -16.10 6.74
CA LEU B 40 -14.75 -17.19 7.23
C LEU B 40 -15.99 -16.74 8.01
N LYS B 41 -17.06 -17.51 7.86
CA LYS B 41 -18.32 -17.24 8.56
C LYS B 41 -18.64 -18.50 9.34
N ASN B 42 -18.50 -18.44 10.65
CA ASN B 42 -18.75 -19.60 11.49
C ASN B 42 -17.90 -20.77 11.00
N GLY B 43 -16.61 -20.50 10.84
CA GLY B 43 -15.68 -21.52 10.40
C GLY B 43 -15.71 -21.93 8.93
N GLU B 44 -16.69 -21.43 8.19
CA GLU B 44 -16.81 -21.79 6.77
C GLU B 44 -16.33 -20.69 5.82
N ARG B 45 -15.56 -21.09 4.82
CA ARG B 45 -15.02 -20.16 3.85
C ARG B 45 -16.11 -19.45 3.06
N ILE B 46 -16.08 -18.11 3.10
CA ILE B 46 -17.07 -17.33 2.37
C ILE B 46 -16.69 -17.41 0.90
N GLU B 47 -17.68 -17.68 0.05
CA GLU B 47 -17.41 -17.85 -1.36
C GLU B 47 -17.03 -16.57 -2.12
N LYS B 48 -17.92 -15.59 -2.13
CA LYS B 48 -17.67 -14.33 -2.83
C LYS B 48 -16.76 -13.37 -2.08
N VAL B 49 -15.49 -13.30 -2.48
CA VAL B 49 -14.55 -12.40 -1.83
C VAL B 49 -13.64 -11.78 -2.88
N GLU B 50 -13.48 -10.46 -2.82
CA GLU B 50 -12.62 -9.76 -3.76
C GLU B 50 -11.40 -9.21 -3.05
N HIS B 51 -10.41 -8.78 -3.81
CA HIS B 51 -9.21 -8.21 -3.22
C HIS B 51 -8.64 -7.13 -4.13
N SER B 52 -7.86 -6.24 -3.53
CA SER B 52 -7.23 -5.14 -4.27
C SER B 52 -6.13 -5.68 -5.15
N ASP B 53 -5.55 -4.79 -5.97
CA ASP B 53 -4.46 -5.15 -6.87
C ASP B 53 -3.17 -5.11 -6.08
N LEU B 54 -2.32 -6.10 -6.30
CA LEU B 54 -1.05 -6.18 -5.59
C LEU B 54 -0.21 -4.91 -5.65
N SER B 55 0.19 -4.43 -4.48
CA SER B 55 1.01 -3.23 -4.43
C SER B 55 1.93 -3.38 -3.21
N PHE B 56 2.90 -2.48 -3.06
CA PHE B 56 3.81 -2.56 -1.93
C PHE B 56 4.14 -1.20 -1.33
N SER B 57 4.63 -1.22 -0.09
CA SER B 57 5.00 -0.02 0.64
C SER B 57 6.46 0.34 0.38
N LYS B 58 6.91 1.41 1.01
CA LYS B 58 8.27 1.91 0.83
C LYS B 58 9.35 0.93 1.27
N ASP B 59 9.02 0.00 2.15
CA ASP B 59 10.02 -0.97 2.59
C ASP B 59 9.98 -2.22 1.71
N TRP B 60 9.25 -2.13 0.60
CA TRP B 60 9.10 -3.21 -0.38
C TRP B 60 8.14 -4.33 -0.01
N SER B 61 7.61 -4.31 1.22
CA SER B 61 6.68 -5.36 1.61
C SER B 61 5.35 -5.12 0.92
N PHE B 62 4.66 -6.22 0.60
CA PHE B 62 3.37 -6.17 -0.08
C PHE B 62 2.18 -5.98 0.86
N TYR B 63 1.06 -5.53 0.30
CA TYR B 63 -0.16 -5.35 1.07
C TYR B 63 -1.36 -5.57 0.15
N LEU B 64 -2.38 -6.21 0.69
CA LEU B 64 -3.60 -6.53 -0.04
C LEU B 64 -4.80 -6.41 0.88
N LEU B 65 -5.93 -5.99 0.30
CA LEU B 65 -7.16 -5.88 1.04
C LEU B 65 -8.17 -6.87 0.47
N TYR B 66 -8.66 -7.77 1.31
CA TYR B 66 -9.68 -8.72 0.87
C TYR B 66 -10.95 -8.23 1.53
N TYR B 67 -12.04 -8.18 0.78
CA TYR B 67 -13.29 -7.68 1.35
C TYR B 67 -14.51 -8.38 0.78
N THR B 68 -15.59 -8.39 1.57
CA THR B 68 -16.84 -8.98 1.14
C THR B 68 -17.98 -8.37 1.94
N GLU B 69 -19.10 -8.10 1.26
CA GLU B 69 -20.25 -7.52 1.95
C GLU B 69 -20.73 -8.54 2.99
N PHE B 70 -21.30 -8.05 4.09
CA PHE B 70 -21.81 -8.93 5.13
C PHE B 70 -22.72 -8.17 6.09
N THR B 71 -23.63 -8.89 6.72
CA THR B 71 -24.55 -8.30 7.67
C THR B 71 -24.30 -8.92 9.05
N PRO B 72 -23.64 -8.16 9.94
CA PRO B 72 -23.29 -8.57 11.30
C PRO B 72 -24.50 -9.02 12.12
N THR B 73 -24.23 -9.81 13.16
CA THR B 73 -25.27 -10.30 14.07
C THR B 73 -24.57 -10.58 15.39
N GLU B 74 -25.34 -10.87 16.44
CA GLU B 74 -24.76 -11.16 17.75
C GLU B 74 -24.20 -12.57 17.83
N LYS B 75 -24.80 -13.50 17.08
CA LYS B 75 -24.36 -14.90 17.09
C LYS B 75 -23.25 -15.22 16.10
N ASP B 76 -23.46 -14.84 14.83
CA ASP B 76 -22.48 -15.11 13.78
C ASP B 76 -21.06 -14.66 14.11
N GLU B 77 -20.11 -15.55 13.88
CA GLU B 77 -18.70 -15.26 14.12
C GLU B 77 -18.02 -15.10 12.76
N TYR B 78 -17.05 -14.20 12.71
CA TYR B 78 -16.32 -13.95 11.47
C TYR B 78 -14.82 -13.98 11.75
N ALA B 79 -14.03 -14.25 10.71
CA ALA B 79 -12.59 -14.31 10.85
C ALA B 79 -11.89 -14.36 9.50
N CYS B 80 -10.57 -14.18 9.55
CA CYS B 80 -9.74 -14.20 8.35
C CYS B 80 -8.71 -15.29 8.53
N ARG B 81 -8.55 -16.14 7.51
CA ARG B 81 -7.58 -17.22 7.57
C ARG B 81 -6.48 -16.89 6.57
N VAL B 82 -5.26 -16.75 7.07
CA VAL B 82 -4.14 -16.40 6.21
C VAL B 82 -3.04 -17.45 6.19
N ASN B 83 -2.56 -17.76 4.99
CA ASN B 83 -1.48 -18.70 4.86
C ASN B 83 -0.41 -18.01 4.01
N HIS B 84 0.84 -18.18 4.40
CA HIS B 84 1.95 -17.58 3.70
C HIS B 84 3.12 -18.55 3.87
N VAL B 85 4.14 -18.40 3.04
CA VAL B 85 5.29 -19.29 3.12
C VAL B 85 5.97 -19.18 4.48
N THR B 86 5.88 -17.99 5.09
CA THR B 86 6.50 -17.77 6.40
C THR B 86 5.72 -18.39 7.56
N LEU B 87 4.57 -18.98 7.27
CA LEU B 87 3.75 -19.59 8.31
C LEU B 87 3.74 -21.12 8.20
N SER B 88 4.09 -21.79 9.30
CA SER B 88 4.11 -23.24 9.32
C SER B 88 2.69 -23.77 9.32
N GLN B 89 1.77 -22.95 9.82
CA GLN B 89 0.37 -23.31 9.90
C GLN B 89 -0.46 -22.07 9.57
N PRO B 90 -1.62 -22.26 8.90
CA PRO B 90 -2.46 -21.10 8.57
C PRO B 90 -2.79 -20.33 9.85
N LYS B 91 -2.77 -19.01 9.76
CA LYS B 91 -3.07 -18.19 10.92
C LYS B 91 -4.52 -17.70 10.83
N ILE B 92 -5.24 -17.85 11.94
CA ILE B 92 -6.63 -17.42 12.00
C ILE B 92 -6.74 -16.21 12.91
N VAL B 93 -7.50 -15.22 12.45
CA VAL B 93 -7.73 -14.02 13.23
C VAL B 93 -9.21 -13.73 13.19
N LYS B 94 -9.84 -13.73 14.36
CA LYS B 94 -11.26 -13.48 14.47
C LYS B 94 -11.60 -12.00 14.39
N TRP B 95 -12.78 -11.71 13.86
CA TRP B 95 -13.21 -10.33 13.76
C TRP B 95 -13.70 -9.86 15.13
N ASP B 96 -13.19 -8.70 15.57
CA ASP B 96 -13.57 -8.12 16.85
C ASP B 96 -14.10 -6.72 16.53
N ARG B 97 -15.39 -6.51 16.73
CA ARG B 97 -15.99 -5.22 16.43
C ARG B 97 -15.43 -4.02 17.20
N ASP B 98 -14.51 -4.28 18.14
CA ASP B 98 -13.90 -3.21 18.91
C ASP B 98 -12.45 -3.04 18.50
N MET B 99 -12.10 -3.59 17.35
CA MET B 99 -10.73 -3.51 16.84
C MET B 99 -10.71 -3.13 15.38
N ALA C 1 0.67 8.84 -16.52
CA ALA C 1 1.32 8.10 -17.64
C ALA C 1 2.67 7.53 -17.22
N PRO C 2 2.90 6.24 -17.49
CA PRO C 2 4.15 5.55 -17.14
C PRO C 2 5.34 5.94 -18.01
N GLN C 3 6.54 5.67 -17.52
CA GLN C 3 7.76 5.97 -18.27
C GLN C 3 7.59 5.19 -19.58
N PRO C 4 7.48 5.92 -20.71
CA PRO C 4 7.28 5.39 -22.07
C PRO C 4 8.43 4.66 -22.78
N ALA C 5 9.55 5.36 -22.97
CA ALA C 5 10.68 4.76 -23.67
C ALA C 5 10.97 3.32 -23.23
N PRO C 6 11.33 2.45 -24.18
CA PRO C 6 11.64 1.04 -23.89
C PRO C 6 12.60 0.95 -22.73
N GLU C 7 12.27 0.16 -21.71
CA GLU C 7 13.16 0.03 -20.57
C GLU C 7 14.34 -0.87 -20.89
N ASN C 8 15.47 -0.56 -20.27
CA ASN C 8 16.67 -1.34 -20.46
C ASN C 8 16.65 -2.44 -19.42
N ALA C 9 17.01 -3.66 -19.82
CA ALA C 9 17.03 -4.78 -18.89
C ALA C 9 18.05 -4.52 -17.79
N TYR C 10 17.83 -5.13 -16.63
CA TYR C 10 18.75 -4.96 -15.50
C TYR C 10 20.05 -5.69 -15.80
C ACY D . 0.94 4.73 -2.13
O ACY D . 1.35 3.49 -2.17
OXT ACY D . -0.08 5.07 -1.56
CH3 ACY D . 1.90 5.74 -2.73
C ACY E . -14.72 -0.09 12.86
O ACY E . -15.56 0.70 12.27
OXT ACY E . -14.56 -0.10 14.08
CH3 ACY E . -14.02 -1.09 11.97
#